data_7APV
#
_entry.id   7APV
#
_cell.length_a   35.880
_cell.length_b   48.103
_cell.length_c   48.252
_cell.angle_alpha   82.760
_cell.angle_beta   76.290
_cell.angle_gamma   86.300
#
_symmetry.space_group_name_H-M   'P 1'
#
loop_
_entity.id
_entity.type
_entity.pdbx_description
1 polymer 'Protein artemis'
2 non-polymer 1,2-ETHANEDIOL
3 non-polymer Ceftriaxone
4 non-polymer 'ZINC ION'
5 non-polymer 'NICKEL (II) ION'
6 water water
#
_entity_poly.entity_id   1
_entity_poly.type   'polypeptide(L)'
_entity_poly.pdbx_seq_one_letter_code
;SMSSFEGQMAEYPTISIDRFDRENLRARAYFLSHCHKDHMKGLRAPTLKRRLECSLKVYLYCSPVTKELLLTSPKYRFWK
KRIISIEIETPTQISLVDEASGEKEEIVVTLLPAGHCPGSVMFLFQGNNGTVLYTGDFRLAQGEAARMELLHSGGRVKDI
QSVYLDTTFCDPRFYQIPSREECLSGVLELVRSWITRSPYHVVWLNCKAAYGYEYLFTNLSEELGVQVHVNKLDMFRNMP
EILHHLTTDRNTQIHACRHPKAEEYFQWSKLPCGITSRNRIPLHIISIKPSTMWFGERSRKTNVIVRTGESSYRACFSFH
SSYSEIKDFLSYLCPVNAYPNVIPVGTTMDKVVEILKPLCRS
;
_entity_poly.pdbx_strand_id   A
#
loop_
_chem_comp.id
_chem_comp.type
_chem_comp.name
_chem_comp.formula
9F2 non-polymer Ceftriaxone 'C18 H18 N8 O7 S3'
EDO non-polymer 1,2-ETHANEDIOL 'C2 H6 O2'
NI non-polymer 'NICKEL (II) ION' 'Ni 2'
ZN non-polymer 'ZINC ION' 'Zn 2'
#
# COMPACT_ATOMS: atom_id res chain seq x y z
N PHE A 5 13.49 3.66 -8.45
CA PHE A 5 12.71 2.98 -9.53
C PHE A 5 11.86 3.96 -10.34
N GLU A 6 12.12 4.00 -11.63
CA GLU A 6 11.48 4.95 -12.52
C GLU A 6 10.56 4.30 -13.56
N GLY A 7 10.04 3.10 -13.26
CA GLY A 7 9.04 2.47 -14.07
C GLY A 7 9.45 1.24 -14.87
N GLN A 8 10.72 1.13 -15.21
CA GLN A 8 11.18 0.11 -16.15
C GLN A 8 12.16 -0.83 -15.49
N MET A 9 11.91 -2.12 -15.67
CA MET A 9 12.87 -3.14 -15.28
C MET A 9 13.75 -3.41 -16.49
N ALA A 10 15.04 -3.63 -16.26
CA ALA A 10 15.99 -3.86 -17.38
C ALA A 10 15.62 -5.05 -18.23
N GLU A 11 15.00 -6.10 -17.67
CA GLU A 11 14.72 -7.30 -18.45
C GLU A 11 13.55 -7.17 -19.41
N TYR A 12 12.59 -6.28 -19.10
CA TYR A 12 11.39 -6.06 -19.93
C TYR A 12 11.10 -4.55 -20.00
N PRO A 13 11.94 -3.81 -20.74
CA PRO A 13 11.82 -2.35 -20.78
C PRO A 13 10.58 -1.81 -21.49
N THR A 14 9.87 -2.63 -22.26
CA THR A 14 8.64 -2.21 -22.93
C THR A 14 7.42 -2.18 -21.99
N ILE A 15 7.60 -2.61 -20.74
CA ILE A 15 6.54 -2.40 -19.77
CA ILE A 15 6.61 -2.55 -19.66
C ILE A 15 6.95 -1.40 -18.71
N SER A 16 5.93 -0.67 -18.25
CA SER A 16 6.11 0.37 -17.27
C SER A 16 5.20 0.09 -16.10
N ILE A 17 5.75 0.21 -14.90
CA ILE A 17 5.05 -0.14 -13.69
C ILE A 17 5.19 1.02 -12.72
N ASP A 18 4.07 1.52 -12.22
CA ASP A 18 4.02 2.50 -11.13
C ASP A 18 4.74 3.83 -11.45
N ARG A 19 4.85 4.14 -12.73
CA ARG A 19 5.47 5.37 -13.20
CA ARG A 19 5.44 5.39 -13.19
C ARG A 19 5.06 5.52 -14.65
N PHE A 20 4.54 6.68 -15.00
CA PHE A 20 3.86 6.84 -16.28
C PHE A 20 4.34 8.03 -17.09
N ASP A 21 5.40 8.69 -16.64
CA ASP A 21 5.91 9.89 -17.33
C ASP A 21 7.24 9.57 -18.01
N ARG A 22 7.79 10.57 -18.70
CA ARG A 22 9.14 10.51 -19.27
C ARG A 22 9.28 9.25 -20.15
N GLU A 23 10.27 8.38 -19.88
CA GLU A 23 10.49 7.24 -20.76
C GLU A 23 9.33 6.25 -20.80
N ASN A 24 8.47 6.26 -19.76
CA ASN A 24 7.32 5.36 -19.65
C ASN A 24 6.18 5.74 -20.61
N LEU A 25 6.28 6.92 -21.26
CA LEU A 25 5.33 7.30 -22.32
C LEU A 25 5.35 6.42 -23.56
N ARG A 26 6.41 5.61 -23.76
CA ARG A 26 6.49 4.66 -24.87
CA ARG A 26 6.47 4.65 -24.87
C ARG A 26 6.20 3.19 -24.44
N ALA A 27 5.55 2.98 -23.30
CA ALA A 27 5.29 1.61 -22.82
C ALA A 27 4.36 0.87 -23.77
N ARG A 28 4.64 -0.41 -23.99
CA ARG A 28 3.68 -1.29 -24.67
C ARG A 28 2.56 -1.75 -23.76
N ALA A 29 2.79 -1.66 -22.45
CA ALA A 29 1.76 -1.98 -21.45
C ALA A 29 2.13 -1.32 -20.14
N TYR A 30 1.12 -0.98 -19.35
CA TYR A 30 1.25 -0.28 -18.07
C TYR A 30 0.73 -1.16 -16.96
N PHE A 31 1.35 -1.04 -15.78
CA PHE A 31 0.93 -1.77 -14.58
C PHE A 31 0.93 -0.84 -13.38
N LEU A 32 -0.11 -0.96 -12.55
CA LEU A 32 -0.25 -0.25 -11.30
C LEU A 32 -0.40 -1.24 -10.13
N SER A 33 0.56 -1.19 -9.20
CA SER A 33 0.62 -2.08 -8.04
C SER A 33 -0.44 -1.73 -7.00
N HIS A 34 -0.70 -0.44 -6.83
CA HIS A 34 -1.70 0.05 -5.87
C HIS A 34 -1.90 1.57 -6.05
N CYS A 35 -3.01 2.07 -5.49
CA CYS A 35 -3.42 3.47 -5.63
CA CYS A 35 -3.43 3.45 -5.64
C CYS A 35 -2.82 4.39 -4.56
N HIS A 36 -1.51 4.50 -4.52
CA HIS A 36 -0.85 5.55 -3.75
C HIS A 36 -0.23 6.53 -4.73
N LYS A 37 -0.34 7.82 -4.41
CA LYS A 37 0.05 8.93 -5.32
C LYS A 37 1.45 8.81 -5.90
N ASP A 38 2.40 8.38 -5.09
CA ASP A 38 3.80 8.35 -5.53
C ASP A 38 4.11 7.18 -6.49
N HIS A 39 3.17 6.24 -6.60
CA HIS A 39 3.18 5.20 -7.65
C HIS A 39 2.27 5.48 -8.84
N MET A 40 1.75 6.72 -8.92
CA MET A 40 0.79 7.15 -9.92
C MET A 40 1.28 8.41 -10.65
N LYS A 41 2.59 8.73 -10.53
CA LYS A 41 3.17 9.89 -11.22
C LYS A 41 2.95 9.79 -12.74
N GLY A 42 2.22 10.77 -13.27
CA GLY A 42 1.97 10.86 -14.70
C GLY A 42 0.77 10.08 -15.21
N LEU A 43 0.10 9.35 -14.33
CA LEU A 43 -0.97 8.43 -14.72
C LEU A 43 -2.18 9.13 -15.34
N ARG A 44 -2.38 10.42 -15.07
CA ARG A 44 -3.38 11.20 -15.81
C ARG A 44 -2.79 12.47 -16.45
N ALA A 45 -1.51 12.49 -16.81
CA ALA A 45 -0.96 13.69 -17.48
C ALA A 45 -1.57 13.82 -18.89
N PRO A 46 -1.78 15.07 -19.37
CA PRO A 46 -2.25 15.26 -20.76
C PRO A 46 -1.41 14.57 -21.83
N THR A 47 -0.11 14.59 -21.65
CA THR A 47 0.79 13.97 -22.60
CA THR A 47 0.83 13.94 -22.56
C THR A 47 0.55 12.44 -22.70
N LEU A 48 0.21 11.80 -21.57
CA LEU A 48 -0.15 10.37 -21.57
CA LEU A 48 -0.14 10.37 -21.59
C LEU A 48 -1.47 10.15 -22.32
N LYS A 49 -2.47 10.97 -22.00
CA LYS A 49 -3.78 10.94 -22.67
C LYS A 49 -3.65 11.11 -24.18
N ARG A 50 -2.90 12.14 -24.58
CA ARG A 50 -2.56 12.37 -25.97
C ARG A 50 -2.02 11.09 -26.56
N ARG A 51 -1.05 10.48 -25.87
CA ARG A 51 -0.43 9.26 -26.35
C ARG A 51 -1.36 8.04 -26.41
N LEU A 52 -2.31 7.94 -25.48
CA LEU A 52 -3.32 6.87 -25.52
C LEU A 52 -4.28 6.99 -26.69
N GLU A 53 -4.54 8.22 -27.14
CA GLU A 53 -5.47 8.45 -28.24
C GLU A 53 -4.94 8.07 -29.60
N CYS A 54 -3.62 7.92 -29.74
CA CYS A 54 -3.00 7.44 -30.97
C CYS A 54 -2.31 6.07 -30.81
N SER A 55 -2.60 5.36 -29.71
CA SER A 55 -2.03 4.01 -29.47
C SER A 55 -3.09 3.11 -28.86
N LEU A 56 -3.93 2.51 -29.71
CA LEU A 56 -5.12 1.78 -29.27
C LEU A 56 -4.88 0.44 -28.52
N LYS A 57 -3.77 -0.25 -28.77
CA LYS A 57 -3.51 -1.55 -28.14
C LYS A 57 -2.73 -1.48 -26.78
N VAL A 58 -2.62 -0.28 -26.22
CA VAL A 58 -1.95 -0.05 -24.92
C VAL A 58 -2.95 -0.08 -23.75
N TYR A 59 -2.80 -1.05 -22.85
CA TYR A 59 -3.66 -1.21 -21.66
C TYR A 59 -2.92 -1.01 -20.35
N LEU A 60 -3.71 -0.78 -19.30
CA LEU A 60 -3.26 -0.70 -17.93
C LEU A 60 -3.76 -1.91 -17.18
N TYR A 61 -2.86 -2.60 -16.50
CA TYR A 61 -3.18 -3.81 -15.74
C TYR A 61 -3.01 -3.57 -14.24
N CYS A 62 -3.89 -4.15 -13.43
CA CYS A 62 -3.86 -4.01 -12.00
C CYS A 62 -4.80 -5.06 -11.39
N SER A 63 -4.95 -5.03 -10.09
CA SER A 63 -5.88 -5.92 -9.41
C SER A 63 -7.32 -5.40 -9.56
N PRO A 64 -8.30 -6.28 -9.29
CA PRO A 64 -9.71 -5.86 -9.34
C PRO A 64 -10.02 -4.72 -8.42
N VAL A 65 -9.49 -4.75 -7.21
CA VAL A 65 -9.74 -3.70 -6.25
C VAL A 65 -9.11 -2.38 -6.72
N THR A 66 -7.88 -2.44 -7.22
CA THR A 66 -7.19 -1.26 -7.74
C THR A 66 -7.97 -0.63 -8.92
N LYS A 67 -8.51 -1.46 -9.81
CA LYS A 67 -9.36 -0.99 -10.91
CA LYS A 67 -9.36 -0.97 -10.90
C LYS A 67 -10.54 -0.22 -10.33
N GLU A 68 -11.26 -0.87 -9.41
CA GLU A 68 -12.42 -0.27 -8.77
C GLU A 68 -12.09 1.07 -8.12
N LEU A 69 -11.01 1.14 -7.33
CA LEU A 69 -10.65 2.37 -6.62
C LEU A 69 -10.22 3.49 -7.56
N LEU A 70 -9.36 3.16 -8.52
CA LEU A 70 -8.90 4.13 -9.51
C LEU A 70 -10.07 4.78 -10.24
N LEU A 71 -11.02 3.95 -10.68
CA LEU A 71 -12.15 4.38 -11.51
C LEU A 71 -13.26 5.13 -10.76
N THR A 72 -13.18 5.20 -9.43
CA THR A 72 -14.10 6.02 -8.65
C THR A 72 -13.68 7.48 -8.66
N SER A 73 -12.42 7.75 -8.99
CA SER A 73 -11.94 9.12 -9.15
CA SER A 73 -11.94 9.12 -9.15
C SER A 73 -12.30 9.68 -10.55
N PRO A 74 -13.14 10.74 -10.63
CA PRO A 74 -13.51 11.32 -11.94
C PRO A 74 -12.32 11.52 -12.93
N LYS A 75 -11.18 11.93 -12.38
CA LYS A 75 -9.98 12.25 -13.11
C LYS A 75 -9.26 11.07 -13.75
N TYR A 76 -9.61 9.83 -13.39
CA TYR A 76 -9.01 8.64 -14.02
C TYR A 76 -10.01 7.80 -14.77
N ARG A 77 -11.26 8.24 -14.85
CA ARG A 77 -12.27 7.44 -15.57
CA ARG A 77 -12.30 7.51 -15.61
C ARG A 77 -11.98 7.29 -17.10
N PHE A 78 -11.18 8.19 -17.69
CA PHE A 78 -10.75 8.04 -19.08
C PHE A 78 -9.98 6.72 -19.36
N TRP A 79 -9.41 6.14 -18.31
CA TRP A 79 -8.81 4.81 -18.40
C TRP A 79 -9.81 3.65 -18.57
N LYS A 80 -11.09 3.91 -18.34
CA LYS A 80 -12.11 2.84 -18.27
C LYS A 80 -12.03 1.80 -19.40
N LYS A 81 -11.99 2.26 -20.64
CA LYS A 81 -11.85 1.40 -21.84
C LYS A 81 -10.53 0.64 -21.99
N ARG A 82 -9.50 1.02 -21.24
CA ARG A 82 -8.15 0.50 -21.41
C ARG A 82 -7.59 -0.18 -20.14
N ILE A 83 -8.40 -0.34 -19.11
CA ILE A 83 -7.96 -1.00 -17.89
CA ILE A 83 -7.99 -1.04 -17.87
C ILE A 83 -8.49 -2.47 -17.88
N ILE A 84 -7.60 -3.41 -17.59
CA ILE A 84 -7.91 -4.81 -17.50
C ILE A 84 -7.47 -5.25 -16.11
N SER A 85 -8.38 -5.75 -15.30
CA SER A 85 -7.97 -6.35 -14.03
C SER A 85 -7.44 -7.74 -14.32
N ILE A 86 -6.52 -8.20 -13.49
CA ILE A 86 -6.04 -9.58 -13.54
C ILE A 86 -6.35 -10.18 -12.18
N GLU A 87 -6.94 -11.36 -12.16
CA GLU A 87 -7.27 -11.97 -10.89
C GLU A 87 -6.01 -12.34 -10.11
N ILE A 88 -6.14 -12.28 -8.79
CA ILE A 88 -5.03 -12.56 -7.89
C ILE A 88 -4.59 -14.03 -8.04
N GLU A 89 -3.29 -14.26 -8.05
CA GLU A 89 -2.73 -15.61 -8.12
C GLU A 89 -3.32 -16.47 -9.22
N THR A 90 -3.39 -15.84 -10.40
CA THR A 90 -3.92 -16.43 -11.62
C THR A 90 -2.96 -16.05 -12.74
N PRO A 91 -2.01 -16.92 -13.05
CA PRO A 91 -1.08 -16.53 -14.10
C PRO A 91 -1.83 -16.18 -15.42
N THR A 92 -1.49 -15.04 -16.01
CA THR A 92 -2.22 -14.48 -17.14
C THR A 92 -1.26 -14.03 -18.24
N GLN A 93 -1.48 -14.51 -19.46
CA GLN A 93 -0.63 -14.18 -20.60
C GLN A 93 -1.03 -12.82 -21.16
N ILE A 94 -0.05 -12.02 -21.45
CA ILE A 94 -0.28 -10.67 -21.96
C ILE A 94 0.58 -10.53 -23.22
N SER A 95 0.00 -9.92 -24.25
CA SER A 95 0.71 -9.64 -25.53
C SER A 95 1.14 -8.18 -25.57
N LEU A 96 2.39 -7.93 -25.97
CA LEU A 96 2.94 -6.56 -26.04
C LEU A 96 3.33 -6.29 -27.48
N VAL A 97 2.56 -5.45 -28.16
CA VAL A 97 2.74 -5.20 -29.59
C VAL A 97 3.56 -3.95 -29.79
N ASP A 98 4.48 -3.97 -30.74
CA ASP A 98 5.18 -2.76 -31.17
C ASP A 98 4.21 -1.99 -32.07
N GLU A 99 3.88 -0.77 -31.66
CA GLU A 99 2.94 0.11 -32.38
C GLU A 99 3.42 0.44 -33.80
N ALA A 100 4.74 0.57 -33.99
CA ALA A 100 5.34 0.90 -35.29
C ALA A 100 5.85 -0.34 -36.04
N SER A 101 6.89 -0.99 -35.50
CA SER A 101 7.53 -2.13 -36.18
C SER A 101 6.77 -3.46 -36.10
N GLY A 102 5.65 -3.49 -35.37
CA GLY A 102 4.84 -4.71 -35.28
C GLY A 102 5.41 -5.94 -34.57
N GLU A 103 6.59 -5.83 -33.90
CA GLU A 103 7.10 -6.90 -33.01
C GLU A 103 6.04 -7.39 -32.00
N LYS A 104 6.11 -8.65 -31.61
CA LYS A 104 5.18 -9.21 -30.62
C LYS A 104 6.00 -9.89 -29.54
N GLU A 105 5.73 -9.55 -28.28
CA GLU A 105 6.37 -10.24 -27.15
C GLU A 105 5.25 -10.77 -26.27
N GLU A 106 5.43 -11.97 -25.74
CA GLU A 106 4.48 -12.53 -24.78
C GLU A 106 5.14 -12.56 -23.40
N ILE A 107 4.36 -12.20 -22.37
N ILE A 107 4.34 -12.24 -22.36
CA ILE A 107 4.77 -12.33 -20.98
CA ILE A 107 4.78 -12.33 -20.98
C ILE A 107 3.62 -12.91 -20.17
C ILE A 107 3.63 -12.90 -20.16
N VAL A 108 3.94 -13.74 -19.18
CA VAL A 108 2.93 -14.27 -18.25
C VAL A 108 3.12 -13.49 -16.94
N VAL A 109 2.04 -12.90 -16.43
CA VAL A 109 2.08 -12.15 -15.20
CA VAL A 109 2.04 -12.11 -15.21
C VAL A 109 1.18 -12.80 -14.14
N THR A 110 1.67 -12.83 -12.92
CA THR A 110 0.93 -13.34 -11.77
C THR A 110 0.94 -12.27 -10.68
N LEU A 111 -0.25 -11.96 -10.17
CA LEU A 111 -0.44 -11.01 -9.09
C LEU A 111 -0.40 -11.73 -7.74
N LEU A 112 0.44 -11.25 -6.83
CA LEU A 112 0.61 -11.81 -5.49
C LEU A 112 0.24 -10.75 -4.49
N PRO A 113 -0.45 -11.11 -3.40
CA PRO A 113 -0.85 -10.05 -2.49
C PRO A 113 0.37 -9.42 -1.78
N ALA A 114 0.33 -8.10 -1.58
CA ALA A 114 1.46 -7.34 -1.04
C ALA A 114 1.30 -6.95 0.44
N GLY A 115 0.08 -7.02 0.99
CA GLY A 115 -0.20 -6.68 2.40
C GLY A 115 -0.01 -5.19 2.73
N HIS A 116 -0.21 -4.34 1.73
CA HIS A 116 0.13 -2.92 1.83
C HIS A 116 -1.09 -2.00 1.95
N CYS A 117 -2.08 -2.22 1.08
CA CYS A 117 -3.36 -1.50 1.14
C CYS A 117 -4.35 -2.25 0.24
N PRO A 118 -5.66 -1.91 0.31
CA PRO A 118 -6.61 -2.55 -0.56
C PRO A 118 -6.13 -2.51 -2.02
N GLY A 119 -6.14 -3.67 -2.65
CA GLY A 119 -5.73 -3.80 -4.03
C GLY A 119 -4.23 -4.00 -4.29
N SER A 120 -3.39 -3.86 -3.26
CA SER A 120 -1.95 -3.82 -3.44
C SER A 120 -1.43 -5.19 -3.83
N VAL A 121 -0.57 -5.21 -4.85
CA VAL A 121 -0.01 -6.46 -5.33
C VAL A 121 1.44 -6.34 -5.66
N MET A 122 2.07 -7.51 -5.71
CA MET A 122 3.34 -7.71 -6.39
C MET A 122 3.05 -8.34 -7.76
N PHE A 123 3.89 -8.02 -8.75
CA PHE A 123 3.84 -8.56 -10.10
C PHE A 123 5.06 -9.46 -10.36
N LEU A 124 4.81 -10.76 -10.52
CA LEU A 124 5.80 -11.71 -11.01
C LEU A 124 5.65 -11.80 -12.52
N PHE A 125 6.72 -11.54 -13.27
CA PHE A 125 6.68 -11.62 -14.72
C PHE A 125 7.58 -12.77 -15.22
N GLN A 126 7.04 -13.60 -16.10
CA GLN A 126 7.80 -14.67 -16.72
C GLN A 126 7.75 -14.48 -18.19
N GLY A 127 8.89 -14.65 -18.84
CA GLY A 127 8.93 -14.56 -20.30
C GLY A 127 10.25 -15.06 -20.81
N ASN A 128 10.60 -14.65 -22.03
CA ASN A 128 11.78 -15.21 -22.66
C ASN A 128 13.09 -14.53 -22.25
N ASN A 129 13.05 -13.56 -21.33
CA ASN A 129 14.24 -12.92 -20.79
C ASN A 129 14.37 -13.08 -19.27
N GLY A 130 13.85 -14.17 -18.71
CA GLY A 130 14.04 -14.48 -17.30
C GLY A 130 12.80 -14.13 -16.49
N THR A 131 12.79 -14.55 -15.24
CA THR A 131 11.69 -14.25 -14.34
C THR A 131 12.07 -13.08 -13.46
N VAL A 132 11.17 -12.12 -13.34
CA VAL A 132 11.40 -10.97 -12.49
C VAL A 132 10.18 -10.74 -11.59
N LEU A 133 10.44 -10.18 -10.41
CA LEU A 133 9.43 -9.80 -9.45
C LEU A 133 9.54 -8.32 -9.09
N TYR A 134 8.46 -7.58 -9.30
CA TYR A 134 8.33 -6.20 -8.86
C TYR A 134 7.39 -6.27 -7.66
N THR A 135 7.85 -5.90 -6.48
CA THR A 135 7.06 -6.11 -5.27
C THR A 135 6.02 -5.02 -5.05
N GLY A 136 6.19 -3.88 -5.72
CA GLY A 136 5.44 -2.67 -5.34
C GLY A 136 5.83 -2.30 -3.90
N ASP A 137 4.90 -1.71 -3.16
CA ASP A 137 5.06 -1.63 -1.72
C ASP A 137 4.50 -2.90 -1.10
N PHE A 138 5.22 -3.46 -0.13
CA PHE A 138 4.77 -4.66 0.59
C PHE A 138 5.11 -4.64 2.07
N ARG A 139 4.28 -5.32 2.83
CA ARG A 139 4.62 -5.71 4.17
C ARG A 139 4.21 -7.17 4.28
N LEU A 140 5.21 -8.04 4.34
CA LEU A 140 4.97 -9.48 4.51
C LEU A 140 5.69 -9.97 5.76
N ALA A 141 4.96 -10.67 6.62
CA ALA A 141 5.55 -11.27 7.82
C ALA A 141 6.36 -12.49 7.44
N GLN A 142 7.29 -12.89 8.31
CA GLN A 142 8.08 -14.13 8.13
C GLN A 142 7.14 -15.31 7.80
N GLY A 143 7.53 -16.13 6.82
CA GLY A 143 6.73 -17.25 6.36
C GLY A 143 5.67 -16.98 5.31
N GLU A 144 5.34 -15.71 5.02
CA GLU A 144 4.23 -15.43 4.10
CA GLU A 144 4.24 -15.40 4.11
C GLU A 144 4.64 -15.72 2.68
N ALA A 145 5.83 -15.27 2.30
CA ALA A 145 6.35 -15.60 0.97
C ALA A 145 6.54 -17.11 0.73
N ALA A 146 7.01 -17.84 1.75
CA ALA A 146 7.13 -19.32 1.66
C ALA A 146 5.82 -20.05 1.38
N ARG A 147 4.69 -19.45 1.78
CA ARG A 147 3.37 -20.00 1.52
C ARG A 147 2.79 -19.67 0.16
N MET A 148 3.40 -18.73 -0.56
CA MET A 148 2.91 -18.30 -1.88
CA MET A 148 2.90 -18.32 -1.88
C MET A 148 3.31 -19.33 -2.94
N GLU A 149 2.36 -20.18 -3.31
CA GLU A 149 2.64 -21.31 -4.19
C GLU A 149 3.20 -20.86 -5.53
N LEU A 150 2.70 -19.74 -6.06
CA LEU A 150 3.09 -19.31 -7.39
C LEU A 150 4.48 -18.62 -7.45
N LEU A 151 5.14 -18.45 -6.31
CA LEU A 151 6.56 -18.16 -6.28
C LEU A 151 7.45 -19.41 -6.41
N HIS A 152 6.86 -20.62 -6.44
CA HIS A 152 7.63 -21.85 -6.42
CA HIS A 152 7.57 -21.91 -6.39
C HIS A 152 7.44 -22.67 -7.70
N SER A 153 8.42 -23.51 -7.97
CA SER A 153 8.34 -24.51 -9.01
C SER A 153 8.94 -25.81 -8.46
N GLY A 154 8.15 -26.87 -8.42
CA GLY A 154 8.64 -28.18 -8.01
C GLY A 154 9.25 -28.20 -6.62
N GLY A 155 8.58 -27.51 -5.68
CA GLY A 155 9.02 -27.54 -4.28
C GLY A 155 10.18 -26.64 -3.89
N ARG A 156 10.68 -25.83 -4.82
CA ARG A 156 11.74 -24.86 -4.52
C ARG A 156 11.28 -23.54 -5.10
N VAL A 157 11.81 -22.44 -4.60
CA VAL A 157 11.50 -21.12 -5.18
C VAL A 157 11.89 -21.11 -6.67
N LYS A 158 11.09 -20.42 -7.49
CA LYS A 158 11.44 -20.16 -8.90
C LYS A 158 12.81 -19.49 -9.02
N ASP A 159 13.48 -19.73 -10.14
CA ASP A 159 14.71 -19.04 -10.48
C ASP A 159 14.31 -17.62 -10.87
N ILE A 160 14.72 -16.65 -10.06
CA ILE A 160 14.29 -15.28 -10.25
C ILE A 160 15.52 -14.49 -10.60
N GLN A 161 15.51 -13.92 -11.80
CA GLN A 161 16.64 -13.14 -12.27
C GLN A 161 16.80 -11.87 -11.47
N SER A 162 15.72 -11.11 -11.28
CA SER A 162 15.81 -9.82 -10.60
C SER A 162 14.57 -9.54 -9.79
N VAL A 163 14.78 -9.04 -8.58
CA VAL A 163 13.71 -8.56 -7.73
C VAL A 163 13.86 -7.02 -7.62
N TYR A 164 12.81 -6.29 -7.96
CA TYR A 164 12.73 -4.83 -7.78
C TYR A 164 11.85 -4.62 -6.54
N LEU A 165 12.45 -4.19 -5.43
CA LEU A 165 11.79 -4.37 -4.14
C LEU A 165 11.67 -3.14 -3.29
N ASP A 166 10.62 -3.15 -2.50
CA ASP A 166 10.33 -2.10 -1.53
C ASP A 166 11.36 -2.14 -0.40
N THR A 167 12.26 -1.17 -0.43
CA THR A 167 13.34 -1.01 0.52
C THR A 167 13.17 0.24 1.39
N THR A 168 11.92 0.58 1.68
CA THR A 168 11.58 1.74 2.51
C THR A 168 12.29 1.72 3.87
N PHE A 169 12.31 0.56 4.55
CA PHE A 169 12.99 0.43 5.85
C PHE A 169 14.17 -0.54 5.78
N CYS A 170 14.86 -0.55 4.64
CA CYS A 170 16.00 -1.41 4.43
C CYS A 170 17.27 -0.75 4.99
N ASP A 171 17.37 -0.80 6.32
N ASP A 171 17.39 -0.82 6.32
CA ASP A 171 18.53 -0.36 7.08
CA ASP A 171 18.53 -0.31 7.08
C ASP A 171 18.43 -1.08 8.40
C ASP A 171 18.44 -1.05 8.41
N PRO A 172 19.55 -1.64 8.90
CA PRO A 172 19.43 -2.43 10.15
C PRO A 172 18.86 -1.70 11.38
N ARG A 173 18.79 -0.36 11.40
CA ARG A 173 18.08 0.34 12.48
C ARG A 173 16.61 -0.07 12.61
N PHE A 174 15.95 -0.29 11.46
CA PHE A 174 14.54 -0.64 11.41
C PHE A 174 14.40 -2.16 11.49
N TYR A 175 15.14 -2.78 12.40
CA TYR A 175 15.32 -4.24 12.38
C TYR A 175 14.00 -4.98 12.50
N GLN A 176 13.17 -4.61 13.48
CA GLN A 176 11.88 -5.26 13.76
C GLN A 176 10.76 -4.24 13.87
N ILE A 177 9.60 -4.56 13.34
CA ILE A 177 8.39 -3.74 13.50
C ILE A 177 7.32 -4.69 13.98
N PRO A 178 6.55 -4.32 15.03
CA PRO A 178 5.46 -5.17 15.47
C PRO A 178 4.56 -5.58 14.32
N SER A 179 3.97 -6.75 14.43
CA SER A 179 3.12 -7.29 13.41
C SER A 179 1.83 -6.47 13.29
N ARG A 180 1.20 -6.66 12.14
CA ARG A 180 -0.13 -6.17 11.80
C ARG A 180 -1.11 -6.44 12.95
N GLU A 181 -1.09 -7.68 13.47
CA GLU A 181 -2.00 -8.14 14.52
C GLU A 181 -1.73 -7.45 15.85
N GLU A 182 -0.46 -7.38 16.24
CA GLU A 182 -0.05 -6.64 17.45
C GLU A 182 -0.47 -5.15 17.36
N CYS A 183 -0.27 -4.54 16.20
CA CYS A 183 -0.64 -3.12 16.02
C CYS A 183 -2.14 -2.93 16.21
N LEU A 184 -2.93 -3.76 15.55
CA LEU A 184 -4.38 -3.73 15.68
C LEU A 184 -4.86 -3.97 17.12
N SER A 185 -4.28 -4.95 17.80
CA SER A 185 -4.71 -5.29 19.17
CA SER A 185 -4.69 -5.30 19.16
C SER A 185 -4.49 -4.12 20.11
N GLY A 186 -3.32 -3.50 20.03
CA GLY A 186 -2.99 -2.36 20.88
C GLY A 186 -3.96 -1.20 20.71
N VAL A 187 -4.27 -0.85 19.45
CA VAL A 187 -5.19 0.22 19.12
C VAL A 187 -6.60 -0.11 19.59
N LEU A 188 -7.05 -1.34 19.30
CA LEU A 188 -8.36 -1.81 19.73
C LEU A 188 -8.56 -1.65 21.23
N GLU A 189 -7.59 -2.09 22.00
CA GLU A 189 -7.74 -2.05 23.45
C GLU A 189 -7.69 -0.61 24.02
N LEU A 190 -6.84 0.24 23.46
CA LEU A 190 -6.85 1.67 23.79
C LEU A 190 -8.21 2.32 23.46
N VAL A 191 -8.73 2.08 22.26
CA VAL A 191 -10.02 2.67 21.86
C VAL A 191 -11.15 2.12 22.74
N ARG A 192 -11.11 0.82 23.01
CA ARG A 192 -12.16 0.17 23.81
C ARG A 192 -12.15 0.67 25.24
N SER A 193 -10.96 0.83 25.84
CA SER A 193 -10.88 1.37 27.19
C SER A 193 -11.44 2.81 27.31
N TRP A 194 -11.38 3.58 26.23
CA TRP A 194 -11.89 4.96 26.22
C TRP A 194 -13.39 5.06 25.89
N ILE A 195 -13.81 4.53 24.75
CA ILE A 195 -15.17 4.76 24.27
C ILE A 195 -16.25 4.00 25.06
N THR A 196 -15.89 2.95 25.80
CA THR A 196 -16.87 2.27 26.66
C THR A 196 -17.19 3.03 27.97
N ARG A 197 -16.46 4.11 28.26
CA ARG A 197 -16.64 4.85 29.49
C ARG A 197 -17.92 5.67 29.54
N SER A 198 -18.30 6.24 28.41
CA SER A 198 -19.57 6.93 28.24
C SER A 198 -19.77 7.16 26.73
N PRO A 199 -20.99 7.48 26.31
CA PRO A 199 -21.19 7.88 24.90
C PRO A 199 -20.45 9.16 24.48
N TYR A 200 -19.96 9.95 25.42
CA TYR A 200 -19.33 11.21 25.14
C TYR A 200 -17.81 11.10 24.98
N HIS A 201 -17.27 9.90 25.26
CA HIS A 201 -15.86 9.57 24.99
C HIS A 201 -15.67 9.16 23.51
N VAL A 202 -14.79 9.89 22.84
CA VAL A 202 -14.54 9.69 21.42
CA VAL A 202 -14.55 9.82 21.39
C VAL A 202 -13.04 9.70 21.12
N VAL A 203 -12.69 9.00 20.03
CA VAL A 203 -11.32 8.88 19.58
CA VAL A 203 -11.31 8.91 19.59
C VAL A 203 -11.19 9.51 18.20
N TRP A 204 -10.10 10.25 17.99
CA TRP A 204 -9.74 10.75 16.68
C TRP A 204 -8.51 9.95 16.25
N LEU A 205 -8.64 9.20 15.15
CA LEU A 205 -7.52 8.54 14.52
C LEU A 205 -6.94 9.50 13.49
N ASN A 206 -5.75 10.01 13.78
CA ASN A 206 -5.11 10.98 12.94
C ASN A 206 -4.30 10.24 11.85
N CYS A 207 -4.91 10.10 10.68
CA CYS A 207 -4.38 9.28 9.60
C CYS A 207 -3.95 10.14 8.40
N LYS A 208 -2.94 9.67 7.67
CA LYS A 208 -2.58 10.30 6.39
C LYS A 208 -3.68 10.08 5.37
N ALA A 209 -3.73 10.96 4.37
CA ALA A 209 -4.76 10.90 3.32
C ALA A 209 -4.29 9.87 2.29
N ALA A 210 -4.42 8.60 2.69
CA ALA A 210 -3.99 7.51 1.83
C ALA A 210 -4.72 6.21 2.19
N TYR A 211 -4.93 5.36 1.18
CA TYR A 211 -5.44 4.01 1.44
C TYR A 211 -4.45 3.25 2.32
N GLY A 212 -4.98 2.24 3.04
CA GLY A 212 -4.21 1.35 3.89
C GLY A 212 -4.62 1.35 5.36
N TYR A 213 -5.44 2.31 5.80
CA TYR A 213 -5.99 2.26 7.17
C TYR A 213 -7.32 1.52 7.29
N GLU A 214 -7.82 0.99 6.18
CA GLU A 214 -9.14 0.34 6.15
C GLU A 214 -9.19 -0.94 7.00
N TYR A 215 -8.07 -1.66 7.03
CA TYR A 215 -7.89 -2.83 7.90
C TYR A 215 -8.16 -2.47 9.37
N LEU A 216 -7.65 -1.31 9.77
CA LEU A 216 -7.79 -0.80 11.13
C LEU A 216 -9.24 -0.35 11.39
N PHE A 217 -9.77 0.46 10.50
CA PHE A 217 -11.16 0.92 10.62
C PHE A 217 -12.14 -0.26 10.70
N THR A 218 -11.99 -1.21 9.77
CA THR A 218 -12.90 -2.37 9.65
CA THR A 218 -12.91 -2.34 9.63
C THR A 218 -12.92 -3.18 10.91
N ASN A 219 -11.73 -3.54 11.40
CA ASN A 219 -11.60 -4.32 12.62
C ASN A 219 -12.09 -3.58 13.88
N LEU A 220 -11.79 -2.28 14.00
CA LEU A 220 -12.29 -1.51 15.15
C LEU A 220 -13.81 -1.43 15.11
N SER A 221 -14.35 -1.21 13.92
CA SER A 221 -15.79 -1.17 13.74
C SER A 221 -16.46 -2.51 14.04
N GLU A 222 -15.88 -3.60 13.56
CA GLU A 222 -16.42 -4.94 13.78
C GLU A 222 -16.47 -5.32 15.25
N GLU A 223 -15.32 -5.14 15.92
CA GLU A 223 -15.18 -5.47 17.35
C GLU A 223 -16.03 -4.60 18.26
N LEU A 224 -16.18 -3.32 17.93
CA LEU A 224 -16.82 -2.35 18.83
C LEU A 224 -18.23 -1.93 18.45
N GLY A 225 -18.71 -2.35 17.29
CA GLY A 225 -20.04 -2.03 16.86
C GLY A 225 -20.26 -0.56 16.59
N VAL A 226 -19.22 0.12 16.13
CA VAL A 226 -19.30 1.56 15.88
C VAL A 226 -18.78 1.79 14.48
N GLN A 227 -19.37 2.74 13.77
CA GLN A 227 -18.90 3.12 12.46
C GLN A 227 -17.90 4.23 12.59
N VAL A 228 -16.99 4.33 11.65
CA VAL A 228 -15.89 5.27 11.72
C VAL A 228 -16.21 6.45 10.85
N HIS A 229 -16.12 7.66 11.39
CA HIS A 229 -16.31 8.87 10.60
C HIS A 229 -15.16 9.12 9.65
N VAL A 230 -15.47 9.28 8.36
CA VAL A 230 -14.49 9.65 7.33
C VAL A 230 -15.01 10.80 6.46
N ASN A 231 -14.08 11.49 5.81
CA ASN A 231 -14.43 12.59 4.89
C ASN A 231 -15.19 12.10 3.66
N LYS A 232 -14.69 11.03 3.04
CA LYS A 232 -15.22 10.47 1.77
C LYS A 232 -15.20 8.96 1.80
N LEU A 233 -16.31 8.32 1.44
CA LEU A 233 -16.40 6.85 1.41
C LEU A 233 -16.95 6.29 0.10
N ASP A 234 -17.14 7.15 -0.90
CA ASP A 234 -17.77 6.78 -2.17
C ASP A 234 -16.91 5.79 -2.97
N MET A 235 -15.58 5.83 -2.77
CA MET A 235 -14.67 4.86 -3.40
C MET A 235 -14.93 3.40 -3.01
N PHE A 236 -15.63 3.19 -1.88
CA PHE A 236 -16.00 1.86 -1.45
C PHE A 236 -17.49 1.54 -1.70
N ARG A 237 -18.13 2.32 -2.58
CA ARG A 237 -19.51 2.09 -3.08
C ARG A 237 -19.82 0.60 -3.36
N ASN A 238 -18.88 -0.10 -3.99
CA ASN A 238 -19.07 -1.51 -4.35
C ASN A 238 -18.21 -2.47 -3.54
N MET A 239 -17.84 -2.05 -2.33
CA MET A 239 -17.00 -2.86 -1.47
C MET A 239 -17.69 -2.93 -0.12
N PRO A 240 -18.75 -3.78 -0.02
CA PRO A 240 -19.63 -3.74 1.16
C PRO A 240 -18.88 -3.95 2.47
N GLU A 241 -17.93 -4.88 2.49
CA GLU A 241 -17.21 -5.23 3.71
C GLU A 241 -16.26 -4.12 4.20
N ILE A 242 -16.08 -3.05 3.43
CA ILE A 242 -15.42 -1.83 3.93
C ILE A 242 -16.45 -0.73 4.23
N LEU A 243 -17.24 -0.40 3.21
CA LEU A 243 -18.30 0.62 3.25
C LEU A 243 -19.15 0.66 4.52
N HIS A 244 -19.62 -0.48 4.99
CA HIS A 244 -20.58 -0.51 6.09
C HIS A 244 -19.98 -0.21 7.47
N HIS A 245 -18.66 -0.20 7.56
CA HIS A 245 -17.93 0.18 8.76
C HIS A 245 -17.54 1.66 8.77
N LEU A 246 -17.86 2.40 7.73
CA LEU A 246 -17.55 3.82 7.66
C LEU A 246 -18.85 4.60 7.62
N THR A 247 -18.77 5.88 7.97
CA THR A 247 -19.92 6.79 7.90
C THR A 247 -19.47 8.22 7.57
N THR A 248 -20.35 9.03 6.96
CA THR A 248 -20.09 10.47 6.78
C THR A 248 -20.73 11.29 7.90
N ASP A 249 -21.48 10.61 8.77
CA ASP A 249 -22.16 11.27 9.88
C ASP A 249 -21.22 11.51 11.08
N ARG A 250 -21.25 12.72 11.63
CA ARG A 250 -20.39 13.13 12.75
C ARG A 250 -20.73 12.48 14.11
N ASN A 251 -21.94 11.95 14.27
CA ASN A 251 -22.39 11.37 15.54
C ASN A 251 -21.90 9.96 15.78
N THR A 252 -20.60 9.81 15.96
CA THR A 252 -19.99 8.53 16.23
C THR A 252 -18.79 8.73 17.16
N GLN A 253 -18.44 7.66 17.88
CA GLN A 253 -17.34 7.68 18.85
C GLN A 253 -15.95 7.45 18.25
N ILE A 254 -15.86 7.04 16.99
CA ILE A 254 -14.56 6.89 16.33
C ILE A 254 -14.55 7.75 15.10
N HIS A 255 -13.56 8.66 15.01
CA HIS A 255 -13.39 9.50 13.83
C HIS A 255 -12.03 9.30 13.18
N ALA A 256 -12.03 9.22 11.85
CA ALA A 256 -10.83 9.28 11.04
C ALA A 256 -10.98 10.37 9.96
N CYS A 257 -11.76 11.40 10.27
CA CYS A 257 -11.87 12.56 9.41
C CYS A 257 -10.57 13.36 9.40
N ARG A 258 -10.47 14.28 8.46
CA ARG A 258 -9.26 14.99 8.14
C ARG A 258 -9.59 16.42 7.80
N HIS A 259 -8.73 17.36 8.18
CA HIS A 259 -8.90 18.76 7.83
C HIS A 259 -7.50 19.35 7.78
N PRO A 260 -7.17 20.16 6.74
CA PRO A 260 -5.84 20.79 6.54
C PRO A 260 -5.03 21.27 7.79
N LYS A 261 -5.70 21.90 8.76
CA LYS A 261 -5.09 22.28 10.06
C LYS A 261 -5.83 21.62 11.25
N ALA A 262 -5.75 20.29 11.31
CA ALA A 262 -6.58 19.45 12.22
C ALA A 262 -5.97 19.18 13.61
N GLU A 263 -4.64 19.33 13.73
CA GLU A 263 -3.92 19.18 15.01
C GLU A 263 -3.99 20.45 15.90
N GLU A 264 -4.20 21.61 15.28
CA GLU A 264 -4.55 22.85 16.00
C GLU A 264 -5.95 22.71 16.62
N TYR A 265 -6.92 22.26 15.83
CA TYR A 265 -8.30 22.00 16.30
C TYR A 265 -8.36 21.08 17.53
N PHE A 266 -7.57 20.00 17.51
CA PHE A 266 -7.51 19.04 18.65
C PHE A 266 -6.95 19.69 19.94
N GLN A 267 -6.02 20.64 19.79
CA GLN A 267 -5.48 21.41 20.92
C GLN A 267 -6.48 22.41 21.55
N TRP A 268 -7.68 22.54 20.95
CA TRP A 268 -8.83 23.26 21.54
C TRP A 268 -10.11 22.38 21.66
N SER A 269 -9.89 21.07 21.87
CA SER A 269 -10.95 20.06 22.03
C SER A 269 -12.04 20.01 20.93
N LYS A 270 -11.59 20.25 19.69
CA LYS A 270 -12.39 20.08 18.48
C LYS A 270 -11.77 18.99 17.59
N LEU A 271 -12.61 18.03 17.16
CA LEU A 271 -12.31 17.08 16.06
C LEU A 271 -12.27 17.77 14.70
N PRO A 272 -11.58 17.20 13.69
CA PRO A 272 -11.51 17.89 12.37
C PRO A 272 -12.86 18.25 11.72
N CYS A 273 -13.89 17.41 11.93
CA CYS A 273 -15.24 17.68 11.42
C CYS A 273 -16.05 18.71 12.23
N GLY A 274 -15.48 19.18 13.35
CA GLY A 274 -16.01 20.33 14.13
C GLY A 274 -16.96 19.99 15.29
N ILE A 275 -17.24 18.71 15.52
CA ILE A 275 -18.15 18.35 16.60
C ILE A 275 -17.35 18.43 17.90
N THR A 276 -17.90 19.14 18.88
CA THR A 276 -17.22 19.39 20.17
C THR A 276 -18.05 18.99 21.38
N SER A 277 -19.34 18.76 21.18
CA SER A 277 -20.28 18.37 22.26
C SER A 277 -21.47 17.60 21.70
N ARG A 278 -22.26 17.05 22.62
CA ARG A 278 -23.53 16.42 22.31
C ARG A 278 -24.40 16.64 23.56
N ASN A 279 -25.63 17.09 23.37
CA ASN A 279 -26.50 17.57 24.47
C ASN A 279 -25.79 18.58 25.36
N ARG A 280 -24.97 19.45 24.73
CA ARG A 280 -24.12 20.42 25.39
CA ARG A 280 -24.18 20.43 25.47
C ARG A 280 -23.12 19.85 26.44
N ILE A 281 -22.88 18.54 26.40
CA ILE A 281 -21.83 17.91 27.20
C ILE A 281 -20.59 17.83 26.31
N PRO A 282 -19.44 18.40 26.75
CA PRO A 282 -18.25 18.25 25.91
C PRO A 282 -17.83 16.78 25.69
N LEU A 283 -17.40 16.51 24.47
CA LEU A 283 -16.85 15.24 24.11
C LEU A 283 -15.46 15.16 24.74
N HIS A 284 -15.16 13.99 25.32
CA HIS A 284 -13.89 13.73 25.95
C HIS A 284 -13.09 13.01 24.86
N ILE A 285 -12.14 13.72 24.28
CA ILE A 285 -11.48 13.29 23.05
C ILE A 285 -10.04 12.85 23.31
N ILE A 286 -9.66 11.69 22.81
CA ILE A 286 -8.22 11.36 22.71
C ILE A 286 -7.86 11.22 21.24
N SER A 287 -6.63 11.60 20.92
CA SER A 287 -6.07 11.42 19.60
C SER A 287 -5.11 10.23 19.60
N ILE A 288 -5.15 9.48 18.50
CA ILE A 288 -4.30 8.34 18.26
C ILE A 288 -3.76 8.48 16.84
N LYS A 289 -2.44 8.58 16.72
CA LYS A 289 -1.77 8.77 15.44
C LYS A 289 -1.05 7.48 15.05
N PRO A 290 -1.60 6.71 14.10
CA PRO A 290 -0.90 5.52 13.66
C PRO A 290 0.44 5.96 13.07
N SER A 291 1.52 5.36 13.52
CA SER A 291 2.85 5.81 13.18
CA SER A 291 2.87 5.81 13.19
C SER A 291 3.81 4.62 13.22
N THR A 292 4.80 4.62 12.36
CA THR A 292 5.79 3.56 12.34
C THR A 292 6.68 3.62 13.57
N MET A 293 6.81 2.47 14.24
CA MET A 293 7.79 2.30 15.31
CA MET A 293 7.77 2.28 15.34
C MET A 293 8.61 1.05 15.03
N TRP A 294 9.83 1.02 15.54
CA TRP A 294 10.69 -0.11 15.29
C TRP A 294 11.60 -0.35 16.44
N PHE A 295 12.13 -1.57 16.52
CA PHE A 295 13.08 -1.98 17.54
C PHE A 295 14.34 -2.53 16.84
N GLY A 296 15.50 -2.23 17.42
CA GLY A 296 16.76 -2.78 16.94
C GLY A 296 16.91 -4.29 17.11
N GLU A 297 18.00 -4.83 16.56
CA GLU A 297 18.27 -6.26 16.59
C GLU A 297 18.38 -6.81 18.01
N ARG A 298 19.12 -6.08 18.86
CA ARG A 298 19.41 -6.52 20.23
C ARG A 298 18.31 -6.14 21.25
N SER A 299 17.29 -5.38 20.85
CA SER A 299 16.17 -5.02 21.73
C SER A 299 15.04 -6.06 21.73
N ARG A 300 14.12 -5.91 22.68
CA ARG A 300 12.84 -6.62 22.67
C ARG A 300 11.76 -5.60 22.25
N LYS A 301 10.58 -6.10 21.84
CA LYS A 301 9.43 -5.23 21.55
C LYS A 301 9.03 -4.46 22.79
N THR A 302 8.66 -3.20 22.59
CA THR A 302 8.08 -2.38 23.64
C THR A 302 6.65 -2.14 23.22
N ASN A 303 5.93 -1.33 23.98
CA ASN A 303 4.50 -1.15 23.74
C ASN A 303 4.23 -0.56 22.35
N VAL A 304 3.22 -1.09 21.67
CA VAL A 304 2.78 -0.53 20.39
C VAL A 304 2.14 0.87 20.58
N ILE A 305 1.72 1.19 21.80
CA ILE A 305 1.14 2.48 22.16
C ILE A 305 2.17 3.35 22.91
N VAL A 306 2.34 4.59 22.46
CA VAL A 306 3.18 5.54 23.11
C VAL A 306 2.31 6.71 23.46
N ARG A 307 2.26 7.08 24.75
CA ARG A 307 1.51 8.26 25.22
C ARG A 307 2.35 9.53 25.12
N THR A 308 1.79 10.53 24.46
CA THR A 308 2.49 11.77 24.14
C THR A 308 1.92 13.02 24.83
N GLY A 309 0.85 12.84 25.58
CA GLY A 309 0.14 13.92 26.26
C GLY A 309 -0.97 13.33 27.10
N GLU A 310 -1.69 14.18 27.82
CA GLU A 310 -2.82 13.68 28.61
C GLU A 310 -3.87 12.98 27.75
N SER A 311 -4.02 13.45 26.51
CA SER A 311 -5.08 13.01 25.60
C SER A 311 -4.56 12.60 24.23
N SER A 312 -3.29 12.23 24.14
CA SER A 312 -2.68 11.98 22.83
C SER A 312 -1.81 10.75 22.89
N TYR A 313 -1.84 10.00 21.80
CA TYR A 313 -1.11 8.76 21.64
C TYR A 313 -0.64 8.54 20.22
N ARG A 314 0.48 7.86 20.12
CA ARG A 314 0.97 7.26 18.88
CA ARG A 314 0.91 7.26 18.87
C ARG A 314 0.72 5.76 18.97
N ALA A 315 0.34 5.15 17.86
CA ALA A 315 0.15 3.70 17.81
C ALA A 315 0.93 3.13 16.64
N CYS A 316 1.66 2.05 16.90
CA CYS A 316 2.46 1.40 15.88
C CYS A 316 1.60 1.02 14.71
N PHE A 317 2.09 1.35 13.53
CA PHE A 317 1.40 1.04 12.29
C PHE A 317 2.44 1.19 11.21
N SER A 318 2.56 0.18 10.35
CA SER A 318 3.51 0.25 9.25
C SER A 318 2.87 -0.26 7.95
N PHE A 319 3.10 0.50 6.89
CA PHE A 319 2.70 0.12 5.56
C PHE A 319 3.76 -0.76 4.86
N HIS A 320 4.96 -0.85 5.44
CA HIS A 320 6.11 -1.50 4.80
C HIS A 320 6.83 -2.49 5.72
N SER A 321 7.48 -3.46 5.09
CA SER A 321 8.25 -4.44 5.83
C SER A 321 9.45 -3.84 6.60
N SER A 322 9.71 -4.45 7.75
CA SER A 322 10.94 -4.18 8.47
C SER A 322 12.17 -4.66 7.70
N TYR A 323 13.33 -4.23 8.15
CA TYR A 323 14.61 -4.73 7.63
C TYR A 323 14.75 -6.24 7.78
N SER A 324 14.37 -6.79 8.94
CA SER A 324 14.43 -8.25 9.11
C SER A 324 13.49 -8.98 8.17
N GLU A 325 12.28 -8.42 7.94
CA GLU A 325 11.34 -8.98 6.97
C GLU A 325 11.85 -8.88 5.54
N ILE A 326 12.44 -7.75 5.18
CA ILE A 326 13.00 -7.59 3.84
C ILE A 326 14.12 -8.63 3.62
N LYS A 327 15.02 -8.74 4.58
CA LYS A 327 16.12 -9.69 4.48
C LYS A 327 15.61 -11.12 4.38
N ASP A 328 14.62 -11.48 5.16
CA ASP A 328 14.04 -12.84 5.14
C ASP A 328 13.40 -13.15 3.78
N PHE A 329 12.63 -12.18 3.26
CA PHE A 329 11.97 -12.29 1.96
C PHE A 329 13.00 -12.50 0.84
N LEU A 330 14.02 -11.64 0.80
CA LEU A 330 14.99 -11.68 -0.29
C LEU A 330 15.91 -12.88 -0.18
N SER A 331 16.27 -13.23 1.03
CA SER A 331 17.07 -14.42 1.30
C SER A 331 16.35 -15.64 0.73
N TYR A 332 15.06 -15.69 1.01
CA TYR A 332 14.21 -16.75 0.53
C TYR A 332 14.11 -16.78 -1.01
N LEU A 333 13.92 -15.62 -1.62
CA LEU A 333 13.82 -15.49 -3.07
C LEU A 333 15.12 -15.85 -3.82
N CYS A 334 16.25 -15.51 -3.21
CA CYS A 334 17.57 -15.81 -3.75
C CYS A 334 17.67 -15.51 -5.25
N PRO A 335 17.39 -14.25 -5.63
CA PRO A 335 17.50 -13.87 -7.01
C PRO A 335 18.94 -13.66 -7.39
N VAL A 336 19.18 -13.52 -8.69
CA VAL A 336 20.51 -13.11 -9.17
C VAL A 336 20.79 -11.67 -8.76
N ASN A 337 19.81 -10.78 -8.94
CA ASN A 337 19.98 -9.35 -8.65
C ASN A 337 18.82 -8.86 -7.78
N ALA A 338 19.09 -7.84 -6.98
CA ALA A 338 18.04 -7.16 -6.27
C ALA A 338 18.29 -5.66 -6.38
N TYR A 339 17.25 -4.94 -6.81
CA TYR A 339 17.29 -3.50 -7.06
C TYR A 339 16.38 -2.79 -6.05
N PRO A 340 16.93 -1.88 -5.24
CA PRO A 340 16.09 -1.08 -4.34
C PRO A 340 15.14 -0.17 -5.10
N ASN A 341 13.86 -0.23 -4.78
CA ASN A 341 12.86 0.67 -5.36
C ASN A 341 12.95 2.08 -4.78
N VAL A 342 13.48 2.22 -3.58
CA VAL A 342 13.59 3.49 -2.87
C VAL A 342 14.80 3.48 -1.93
N ILE A 343 15.42 4.64 -1.80
CA ILE A 343 16.48 4.90 -0.82
C ILE A 343 15.85 5.43 0.47
N PRO A 344 15.92 4.67 1.59
CA PRO A 344 15.47 5.26 2.88
C PRO A 344 16.12 6.64 3.18
N VAL A 345 15.38 7.50 3.88
CA VAL A 345 15.74 8.92 4.07
C VAL A 345 17.21 9.15 4.42
N GLY A 346 17.67 8.46 5.46
CA GLY A 346 19.01 8.67 6.02
C GLY A 346 20.13 7.80 5.48
N THR A 347 19.98 7.21 4.29
CA THR A 347 21.02 6.32 3.73
C THR A 347 21.26 6.60 2.24
N THR A 348 21.95 5.68 1.55
CA THR A 348 22.26 5.84 0.12
C THR A 348 22.02 4.56 -0.68
N MET A 349 22.00 4.70 -2.00
CA MET A 349 21.90 3.54 -2.88
C MET A 349 22.97 2.50 -2.56
N ASP A 350 24.22 2.94 -2.49
CA ASP A 350 25.36 2.04 -2.24
C ASP A 350 25.20 1.21 -0.97
N LYS A 351 24.79 1.84 0.13
CA LYS A 351 24.54 1.10 1.38
C LYS A 351 23.40 0.08 1.19
N VAL A 352 22.33 0.48 0.51
CA VAL A 352 21.16 -0.42 0.38
C VAL A 352 21.51 -1.58 -0.55
N VAL A 353 22.02 -1.28 -1.72
CA VAL A 353 22.54 -2.32 -2.62
C VAL A 353 23.46 -3.30 -1.88
N GLU A 354 24.39 -2.77 -1.09
CA GLU A 354 25.41 -3.60 -0.44
C GLU A 354 24.84 -4.43 0.70
N ILE A 355 23.81 -3.92 1.38
CA ILE A 355 23.02 -4.70 2.34
C ILE A 355 22.39 -5.95 1.71
N LEU A 356 21.88 -5.77 0.49
CA LEU A 356 21.16 -6.82 -0.19
C LEU A 356 22.09 -7.81 -0.89
N LYS A 357 23.27 -7.32 -1.31
CA LYS A 357 24.25 -8.12 -2.05
C LYS A 357 24.45 -9.56 -1.54
N PRO A 358 24.73 -9.77 -0.23
CA PRO A 358 24.97 -11.17 0.23
C PRO A 358 23.82 -12.14 0.09
N LEU A 359 22.61 -11.63 -0.12
CA LEU A 359 21.42 -12.47 -0.31
C LEU A 359 21.15 -12.87 -1.74
N CYS A 360 21.96 -12.39 -2.68
CA CYS A 360 21.77 -12.63 -4.10
C CYS A 360 22.89 -13.49 -4.69
N ARG A 361 22.60 -14.10 -5.82
CA ARG A 361 23.52 -15.02 -6.47
C ARG A 361 24.62 -14.35 -7.30
N SER A 362 24.46 -13.11 -7.69
CA SER A 362 25.53 -12.39 -8.36
C SER A 362 25.35 -10.92 -8.08
C1 EDO B . 0.73 5.22 9.51
O1 EDO B . 0.73 6.58 9.06
C2 EDO B . 2.14 4.63 9.51
O2 EDO B . 3.01 5.37 8.67
C1 9F2 C . 5.67 6.62 7.70
S1 9F2 C . 4.68 6.87 6.62
C2 9F2 C . 5.19 5.86 5.27
C3 9F2 C . 6.46 6.17 4.82
C4 9F2 C . 6.97 5.69 3.47
S2 9F2 C . 6.75 6.91 2.13
C5 9F2 C . 5.59 6.21 0.90
N1 9F2 C . 4.87 5.02 1.27
C6 9F2 C . 3.98 4.40 0.39
O1 9F2 C . 3.39 3.44 0.69
C7 9F2 C . 3.76 4.97 -0.97
O2 9F2 C . 3.05 4.42 -1.72
N2 9F2 C . 4.48 6.15 -1.36
N3 9F2 C . 5.41 6.80 -0.44
C8 9F2 C . 6.14 8.00 -0.89
C9 9F2 C . 7.62 6.54 5.97
N4 9F2 C . 7.15 7.13 7.26
C10 9F2 C . 7.27 7.98 8.49
O3 9F2 C . 8.11 8.70 8.91
C11 9F2 C . 5.78 7.50 8.93
N5 9F2 C . 5.04 8.63 9.03
C12 9F2 C . 4.34 9.04 10.29
O4 9F2 C . 4.34 8.39 11.29
C13 9F2 C . 3.59 10.40 10.20
N6 9F2 C . 4.37 11.35 9.95
O5 9F2 C . 4.06 12.70 9.77
C14 9F2 C . 5.14 13.27 9.10
C15 9F2 C . 2.08 10.46 10.32
C16 9F2 C . 1.26 9.31 10.58
S3 9F2 C . -0.22 9.70 10.63
C17 9F2 C . -0.21 11.23 10.36
N7 9F2 C . -1.37 12.10 10.28
N8 9F2 C . 1.12 11.68 10.18
C18 9F2 C . 8.92 7.11 5.51
O6 9F2 C . 8.95 7.83 4.50
O7 9F2 C . 9.96 6.86 6.15
ZN ZN D . -15.24 13.50 12.40
NI NI E . 2.38 2.64 -1.13
C1 EDO F . -20.62 10.53 20.27
O1 EDO F . -21.48 10.95 21.33
C2 EDO F . -20.63 11.64 19.25
O2 EDO F . -21.94 11.68 18.69
C1 EDO G . 1.01 6.18 2.81
O1 EDO G . 2.03 5.73 3.70
C2 EDO G . 1.19 7.66 2.58
O2 EDO G . 2.56 7.93 2.36
C1 EDO H . 9.37 -12.25 4.86
O1 EDO H . 8.96 -10.93 5.21
C2 EDO H . 8.60 -12.76 3.64
O2 EDO H . 7.73 -13.83 4.00
C1 EDO I . 1.77 4.26 27.16
O1 EDO I . 0.57 4.63 27.90
C2 EDO I . 3.00 5.02 27.71
O2 EDO I . 3.83 5.69 26.70
#